data_3S84
#
_entry.id   3S84
#
_cell.length_a   70.825
_cell.length_b   70.825
_cell.length_c   512.383
_cell.angle_alpha   90.00
_cell.angle_beta   90.00
_cell.angle_gamma   120.00
#
_symmetry.space_group_name_H-M   'P 61 2 2'
#
loop_
_entity.id
_entity.type
_entity.pdbx_description
1 polymer 'Apolipoprotein A-IV'
2 non-polymer 'SULFATE ION'
3 water water
#
_entity_poly.entity_id   1
_entity_poly.type   'polypeptide(L)'
_entity_poly.pdbx_seq_one_letter_code
;GATELHERLAKDSEKLKEEIGKELEELRARLLPHANEVSQKIGDNLRELQQRLEPYADQLRTQVNTQAEQLRRQLTPYAQ
RMERVLRENADSLQASLRPHADELKAKIDQNVEELKGRLTPYADEFKVKIDQTVEELRRSLAPYAQDTQEKLNHQLEGLT
FQMKKNAEELKARISASAEELRQRLAPLAEDVRGNLRGNTEGLQKSLAELGGHLDQQVEEFRRRVEPYGENFNKALVQQM
EQLRQKLGPHAGDVEGHLSFLEKDLRDKVNSFF
;
_entity_poly.pdbx_strand_id   A,B
#
# COMPACT_ATOMS: atom_id res chain seq x y z
N ASP A 12 49.10 20.37 45.70
CA ASP A 12 47.77 19.80 45.87
C ASP A 12 47.66 18.42 45.22
N SER A 13 47.61 18.39 43.87
CA SER A 13 47.51 17.16 43.07
C SER A 13 48.88 16.59 42.68
N GLU A 14 49.87 17.47 42.39
CA GLU A 14 51.25 17.09 42.03
C GLU A 14 52.00 16.57 43.27
N LYS A 15 51.74 17.16 44.46
CA LYS A 15 52.37 16.78 45.74
C LYS A 15 51.94 15.37 46.17
N LEU A 16 50.66 15.02 45.95
CA LEU A 16 50.03 13.74 46.30
C LEU A 16 50.24 12.63 45.21
N LYS A 17 51.34 12.76 44.44
CA LYS A 17 51.82 11.87 43.37
C LYS A 17 53.30 11.60 43.68
N GLU A 18 53.98 12.63 44.22
CA GLU A 18 55.37 12.63 44.67
C GLU A 18 55.50 11.69 45.87
N GLU A 19 54.49 11.72 46.78
CA GLU A 19 54.33 10.91 47.99
C GLU A 19 54.23 9.41 47.66
N ILE A 20 53.55 9.08 46.53
CA ILE A 20 53.38 7.72 46.04
C ILE A 20 54.75 7.19 45.58
N GLY A 21 55.45 8.02 44.77
CA GLY A 21 56.79 7.74 44.26
C GLY A 21 57.80 7.58 45.39
N LYS A 22 57.84 8.57 46.29
CA LYS A 22 58.69 8.63 47.47
C LYS A 22 58.56 7.34 48.31
N GLU A 23 57.31 6.93 48.64
CA GLU A 23 57.04 5.76 49.45
C GLU A 23 57.44 4.47 48.72
N LEU A 24 57.22 4.43 47.40
CA LEU A 24 57.56 3.29 46.56
C LEU A 24 59.08 3.17 46.45
N GLU A 25 59.78 4.33 46.41
CA GLU A 25 61.23 4.40 46.36
C GLU A 25 61.78 3.86 47.69
N GLU A 26 61.09 4.19 48.80
CA GLU A 26 61.45 3.73 50.14
C GLU A 26 61.24 2.24 50.29
N LEU A 27 60.10 1.72 49.80
CA LEU A 27 59.84 0.28 49.83
C LEU A 27 60.92 -0.44 49.00
N ARG A 28 61.26 0.12 47.81
CA ARG A 28 62.29 -0.43 46.93
C ARG A 28 63.64 -0.43 47.64
N ALA A 29 63.99 0.67 48.35
CA ALA A 29 65.25 0.78 49.10
C ALA A 29 65.36 -0.33 50.17
N ARG A 30 64.24 -0.64 50.85
CA ARG A 30 64.20 -1.74 51.82
C ARG A 30 64.41 -3.12 51.16
N LEU A 31 63.76 -3.34 50.02
CA LEU A 31 63.82 -4.60 49.28
C LEU A 31 65.07 -4.75 48.43
N LEU A 32 65.84 -3.66 48.23
CA LEU A 32 67.01 -3.62 47.38
C LEU A 32 67.95 -4.82 47.49
N PRO A 33 68.41 -5.28 48.70
CA PRO A 33 69.31 -6.44 48.74
C PRO A 33 68.70 -7.74 48.22
N HIS A 34 67.35 -7.76 48.02
CA HIS A 34 66.60 -8.93 47.54
C HIS A 34 65.88 -8.68 46.24
N ALA A 35 66.27 -7.62 45.49
CA ALA A 35 65.64 -7.19 44.22
C ALA A 35 65.35 -8.31 43.24
N ASN A 36 66.25 -9.28 43.10
CA ASN A 36 66.10 -10.47 42.26
C ASN A 36 64.99 -11.38 42.79
N GLU A 37 65.04 -11.74 44.11
CA GLU A 37 64.02 -12.56 44.78
C GLU A 37 62.65 -11.90 44.67
N VAL A 38 62.56 -10.58 44.98
CA VAL A 38 61.30 -9.84 44.94
C VAL A 38 60.68 -9.80 43.54
N SER A 39 61.51 -9.51 42.51
CA SER A 39 61.15 -9.49 41.08
C SER A 39 60.59 -10.87 40.68
N GLN A 40 61.25 -11.94 41.16
CA GLN A 40 60.85 -13.33 40.93
C GLN A 40 59.48 -13.65 41.56
N LYS A 41 59.26 -13.24 42.82
CA LYS A 41 57.99 -13.46 43.52
C LYS A 41 56.81 -12.71 42.85
N ILE A 42 57.06 -11.49 42.32
CA ILE A 42 56.06 -10.68 41.62
C ILE A 42 55.69 -11.36 40.28
N GLY A 43 56.71 -11.84 39.56
CA GLY A 43 56.56 -12.56 38.29
C GLY A 43 55.75 -13.83 38.46
N ASP A 44 55.95 -14.53 39.58
CA ASP A 44 55.21 -15.74 39.93
C ASP A 44 53.75 -15.43 40.17
N ASN A 45 53.48 -14.38 40.98
CA ASN A 45 52.12 -13.93 41.28
C ASN A 45 51.38 -13.42 40.04
N LEU A 46 52.10 -12.83 39.08
CA LEU A 46 51.55 -12.35 37.82
C LEU A 46 51.09 -13.56 36.97
N ARG A 47 51.86 -14.66 36.99
CA ARG A 47 51.49 -15.89 36.26
C ARG A 47 50.28 -16.53 36.93
N GLU A 48 50.25 -16.57 38.27
CA GLU A 48 49.11 -17.08 39.04
C GLU A 48 47.87 -16.22 38.80
N LEU A 49 48.03 -14.89 38.67
CA LEU A 49 46.93 -13.99 38.37
C LEU A 49 46.31 -14.39 37.03
N GLN A 50 47.13 -14.51 35.98
CA GLN A 50 46.74 -14.92 34.63
C GLN A 50 45.99 -16.23 34.64
N GLN A 51 46.50 -17.22 35.38
CA GLN A 51 45.87 -18.53 35.49
C GLN A 51 44.53 -18.44 36.21
N ARG A 52 44.45 -17.60 37.24
CA ARG A 52 43.20 -17.42 37.96
C ARG A 52 42.15 -16.68 37.14
N LEU A 53 42.56 -15.64 36.40
CA LEU A 53 41.66 -14.81 35.57
C LEU A 53 41.22 -15.51 34.31
N GLU A 54 42.10 -16.36 33.72
CA GLU A 54 41.90 -17.06 32.46
C GLU A 54 40.51 -17.73 32.25
N PRO A 55 40.04 -18.68 33.10
CA PRO A 55 38.70 -19.27 32.88
C PRO A 55 37.56 -18.26 32.87
N TYR A 56 37.66 -17.16 33.67
CA TYR A 56 36.64 -16.11 33.73
C TYR A 56 36.72 -15.19 32.55
N ALA A 57 37.95 -14.84 32.10
CA ALA A 57 38.16 -14.02 30.90
C ALA A 57 37.70 -14.81 29.69
N ASP A 58 37.94 -16.15 29.67
CA ASP A 58 37.48 -17.02 28.58
C ASP A 58 35.95 -17.16 28.60
N GLN A 59 35.33 -17.40 29.78
CA GLN A 59 33.89 -17.56 29.94
C GLN A 59 33.14 -16.28 29.70
N LEU A 60 33.74 -15.12 30.04
CA LEU A 60 33.09 -13.85 29.72
C LEU A 60 32.91 -13.75 28.20
N ARG A 61 33.97 -14.04 27.41
CA ARG A 61 33.86 -14.01 25.94
C ARG A 61 32.80 -15.00 25.42
N THR A 62 32.80 -16.23 25.96
CA THR A 62 31.82 -17.25 25.58
C THR A 62 30.40 -16.79 25.91
N GLN A 63 30.17 -16.31 27.13
CA GLN A 63 28.88 -15.81 27.60
C GLN A 63 28.38 -14.61 26.80
N VAL A 64 29.29 -13.78 26.24
CA VAL A 64 28.92 -12.64 25.36
C VAL A 64 28.20 -13.20 24.15
N ASN A 65 28.80 -14.26 23.56
CA ASN A 65 28.32 -14.97 22.38
C ASN A 65 27.03 -15.78 22.68
N THR A 66 27.00 -16.54 23.77
CA THR A 66 25.84 -17.30 24.25
C THR A 66 24.64 -16.36 24.56
N GLN A 67 24.87 -15.25 25.30
CA GLN A 67 23.80 -14.29 25.61
C GLN A 67 23.27 -13.57 24.39
N ALA A 68 24.16 -13.09 23.50
CA ALA A 68 23.80 -12.41 22.26
C ALA A 68 22.94 -13.35 21.34
N GLU A 69 23.29 -14.62 21.32
CA GLU A 69 22.59 -15.69 20.62
C GLU A 69 21.22 -15.95 21.23
N GLN A 70 21.12 -15.99 22.57
CA GLN A 70 19.87 -16.20 23.33
C GLN A 70 18.92 -15.05 23.05
N LEU A 71 19.42 -13.79 23.05
CA LEU A 71 18.65 -12.58 22.77
C LEU A 71 18.08 -12.66 21.35
N ARG A 72 18.83 -13.21 20.34
CA ARG A 72 18.32 -13.35 18.96
C ARG A 72 17.21 -14.40 18.87
N ARG A 73 17.43 -15.59 19.44
CA ARG A 73 16.45 -16.69 19.51
C ARG A 73 15.14 -16.27 20.22
N GLN A 74 15.23 -15.27 21.10
CA GLN A 74 14.07 -14.80 21.83
C GLN A 74 13.31 -13.73 21.05
N LEU A 75 14.03 -12.83 20.33
CA LEU A 75 13.43 -11.70 19.61
C LEU A 75 13.01 -11.98 18.18
N THR A 76 13.77 -12.86 17.48
CA THR A 76 13.51 -13.30 16.08
C THR A 76 12.08 -13.85 15.88
N PRO A 77 11.51 -14.73 16.77
CA PRO A 77 10.12 -15.20 16.54
C PRO A 77 9.05 -14.13 16.37
N TYR A 78 9.26 -12.92 16.94
CA TYR A 78 8.30 -11.83 16.80
C TYR A 78 8.19 -11.32 15.38
N ALA A 79 9.33 -11.07 14.69
CA ALA A 79 9.35 -10.60 13.31
C ALA A 79 8.76 -11.68 12.39
N GLN A 80 9.03 -12.96 12.73
CA GLN A 80 8.59 -14.18 12.07
C GLN A 80 7.06 -14.28 12.19
N ARG A 81 6.52 -14.12 13.42
CA ARG A 81 5.08 -14.18 13.68
C ARG A 81 4.33 -13.04 12.97
N MET A 82 4.88 -11.82 13.02
CA MET A 82 4.31 -10.64 12.36
C MET A 82 4.35 -10.74 10.81
N GLU A 83 5.40 -11.37 10.23
CA GLU A 83 5.56 -11.61 8.78
C GLU A 83 4.43 -12.54 8.30
N ARG A 84 4.14 -13.57 9.10
CA ARG A 84 3.13 -14.61 8.89
C ARG A 84 1.73 -14.00 8.93
N VAL A 85 1.43 -13.18 9.95
CA VAL A 85 0.15 -12.48 10.13
C VAL A 85 -0.11 -11.61 8.89
N LEU A 86 0.92 -10.87 8.43
CA LEU A 86 0.88 -10.00 7.27
C LEU A 86 0.54 -10.77 5.97
N ARG A 87 1.13 -11.96 5.76
CA ARG A 87 0.91 -12.81 4.59
C ARG A 87 -0.48 -13.41 4.58
N GLU A 88 -0.91 -13.97 5.74
CA GLU A 88 -2.23 -14.58 5.97
C GLU A 88 -3.33 -13.56 5.70
N ASN A 89 -3.09 -12.31 6.15
CA ASN A 89 -4.00 -11.18 6.02
C ASN A 89 -4.15 -10.79 4.56
N ALA A 90 -3.02 -10.70 3.81
CA ALA A 90 -2.97 -10.36 2.37
C ALA A 90 -3.78 -11.36 1.54
N ASP A 91 -3.73 -12.66 1.94
CA ASP A 91 -4.47 -13.77 1.34
C ASP A 91 -5.95 -13.60 1.65
N SER A 92 -6.28 -13.30 2.91
CA SER A 92 -7.63 -13.12 3.41
C SER A 92 -8.31 -11.89 2.77
N LEU A 93 -7.53 -10.81 2.54
CA LEU A 93 -7.98 -9.57 1.92
C LEU A 93 -8.35 -9.84 0.47
N GLN A 94 -7.45 -10.55 -0.25
CA GLN A 94 -7.63 -10.93 -1.67
C GLN A 94 -8.90 -11.79 -1.82
N ALA A 95 -9.08 -12.79 -0.92
CA ALA A 95 -10.26 -13.66 -0.89
C ALA A 95 -11.57 -12.92 -0.59
N SER A 96 -11.50 -11.80 0.15
CA SER A 96 -12.65 -10.97 0.54
C SER A 96 -13.03 -9.96 -0.54
N LEU A 97 -12.03 -9.45 -1.26
CA LEU A 97 -12.15 -8.45 -2.32
C LEU A 97 -12.54 -9.01 -3.67
N ARG A 98 -12.01 -10.19 -4.04
CA ARG A 98 -12.27 -10.86 -5.33
C ARG A 98 -13.78 -10.98 -5.66
N PRO A 99 -14.65 -11.48 -4.74
CA PRO A 99 -16.10 -11.54 -5.03
C PRO A 99 -16.72 -10.21 -5.47
N HIS A 100 -16.41 -9.11 -4.75
CA HIS A 100 -16.91 -7.77 -5.05
C HIS A 100 -16.36 -7.26 -6.40
N ALA A 101 -15.07 -7.60 -6.72
CA ALA A 101 -14.43 -7.20 -7.97
C ALA A 101 -15.10 -7.91 -9.16
N ASP A 102 -15.46 -9.22 -8.99
CA ASP A 102 -16.17 -10.01 -10.00
C ASP A 102 -17.59 -9.48 -10.16
N GLU A 103 -18.25 -9.09 -9.04
CA GLU A 103 -19.62 -8.54 -9.07
C GLU A 103 -19.66 -7.19 -9.78
N LEU A 104 -18.64 -6.33 -9.59
CA LEU A 104 -18.57 -5.06 -10.31
C LEU A 104 -18.56 -5.26 -11.84
N LYS A 105 -17.69 -6.18 -12.31
CA LYS A 105 -17.52 -6.54 -13.72
C LYS A 105 -18.85 -7.01 -14.33
N ALA A 106 -19.56 -7.89 -13.59
CA ALA A 106 -20.86 -8.47 -13.95
C ALA A 106 -21.95 -7.39 -13.99
N LYS A 107 -21.97 -6.50 -12.99
CA LYS A 107 -22.96 -5.43 -12.92
C LYS A 107 -22.78 -4.39 -14.03
N ILE A 108 -21.53 -4.10 -14.46
CA ILE A 108 -21.27 -3.18 -15.59
C ILE A 108 -22.05 -3.67 -16.82
N ASP A 109 -21.87 -4.97 -17.19
CA ASP A 109 -22.54 -5.63 -18.31
C ASP A 109 -24.08 -5.63 -18.15
N GLN A 110 -24.58 -6.03 -16.97
CA GLN A 110 -25.99 -6.14 -16.64
C GLN A 110 -26.68 -4.78 -16.62
N ASN A 111 -26.00 -3.78 -16.09
CA ASN A 111 -26.57 -2.43 -16.03
C ASN A 111 -26.53 -1.70 -17.38
N VAL A 112 -25.54 -1.99 -18.23
CA VAL A 112 -25.50 -1.42 -19.59
C VAL A 112 -26.64 -1.98 -20.44
N GLU A 113 -26.99 -3.28 -20.27
N GLU A 113 -26.98 -3.29 -20.27
CA GLU A 113 -28.12 -3.90 -21.00
CA GLU A 113 -28.09 -3.95 -20.97
C GLU A 113 -29.43 -3.31 -20.51
C GLU A 113 -29.42 -3.34 -20.51
N GLU A 114 -29.56 -3.09 -19.19
CA GLU A 114 -30.75 -2.47 -18.59
C GLU A 114 -30.95 -1.07 -19.15
N LEU A 115 -29.88 -0.25 -19.17
CA LEU A 115 -29.88 1.07 -19.76
C LEU A 115 -30.35 1.02 -21.21
N LYS A 116 -29.74 0.14 -22.04
CA LYS A 116 -30.08 -0.08 -23.44
C LYS A 116 -31.57 -0.42 -23.57
N GLY A 117 -32.04 -1.35 -22.73
CA GLY A 117 -33.41 -1.85 -22.73
C GLY A 117 -34.46 -0.86 -22.31
N ARG A 118 -34.07 0.21 -21.63
CA ARG A 118 -34.99 1.24 -21.14
C ARG A 118 -35.04 2.40 -22.13
N LEU A 119 -34.12 2.41 -23.13
CA LEU A 119 -34.00 3.47 -24.12
C LEU A 119 -34.51 3.08 -25.49
N THR A 120 -34.21 1.86 -25.95
CA THR A 120 -34.66 1.35 -27.24
C THR A 120 -36.20 1.34 -27.40
N PRO A 121 -37.05 1.09 -26.35
CA PRO A 121 -38.51 1.15 -26.55
C PRO A 121 -39.07 2.40 -27.21
N TYR A 122 -38.36 3.55 -27.05
CA TYR A 122 -38.72 4.84 -27.62
C TYR A 122 -38.66 4.84 -29.11
N ALA A 123 -37.58 4.24 -29.66
CA ALA A 123 -37.35 4.09 -31.09
C ALA A 123 -38.46 3.24 -31.68
N ASP A 124 -38.89 2.18 -30.94
CA ASP A 124 -39.98 1.29 -31.34
C ASP A 124 -41.33 2.00 -31.32
N GLU A 125 -41.54 2.88 -30.34
CA GLU A 125 -42.79 3.63 -30.22
C GLU A 125 -42.94 4.62 -31.37
N PHE A 126 -41.83 5.13 -31.90
CA PHE A 126 -41.80 6.01 -33.04
C PHE A 126 -42.35 5.30 -34.27
N LYS A 127 -42.07 4.00 -34.42
CA LYS A 127 -42.54 3.13 -35.50
C LYS A 127 -44.07 3.03 -35.41
N VAL A 128 -44.61 2.95 -34.17
CA VAL A 128 -46.06 2.89 -33.93
C VAL A 128 -46.73 4.20 -34.36
N LYS A 129 -46.16 5.35 -33.94
CA LYS A 129 -46.68 6.67 -34.27
C LYS A 129 -46.59 6.97 -35.77
N ILE A 130 -45.57 6.41 -36.47
CA ILE A 130 -45.42 6.53 -37.93
C ILE A 130 -46.59 5.80 -38.64
N ASP A 131 -46.87 4.53 -38.23
CA ASP A 131 -47.95 3.72 -38.75
C ASP A 131 -49.29 4.40 -38.58
N GLN A 132 -49.57 4.91 -37.35
CA GLN A 132 -50.83 5.58 -37.03
C GLN A 132 -51.03 6.77 -37.93
N THR A 133 -49.98 7.59 -38.09
CA THR A 133 -50.02 8.82 -38.87
C THR A 133 -50.17 8.57 -40.36
N VAL A 134 -49.44 7.59 -40.90
CA VAL A 134 -49.51 7.26 -42.31
C VAL A 134 -50.87 6.67 -42.70
N GLU A 135 -51.45 5.83 -41.81
CA GLU A 135 -52.77 5.27 -42.03
C GLU A 135 -53.84 6.38 -42.08
N GLU A 136 -53.69 7.40 -41.21
CA GLU A 136 -54.59 8.54 -41.18
C GLU A 136 -54.40 9.38 -42.43
N LEU A 137 -53.14 9.55 -42.88
CA LEU A 137 -52.79 10.29 -44.10
C LEU A 137 -53.42 9.64 -45.32
N ARG A 138 -53.39 8.30 -45.37
CA ARG A 138 -54.01 7.51 -46.43
C ARG A 138 -55.52 7.73 -46.45
N ARG A 139 -56.17 7.75 -45.27
CA ARG A 139 -57.60 7.96 -45.13
C ARG A 139 -58.02 9.36 -45.58
N SER A 140 -57.20 10.37 -45.29
CA SER A 140 -57.49 11.73 -45.67
C SER A 140 -57.15 12.04 -47.15
N LEU A 141 -56.26 11.23 -47.77
CA LEU A 141 -55.87 11.42 -49.17
C LEU A 141 -56.64 10.58 -50.17
N ALA A 142 -57.23 9.45 -49.70
CA ALA A 142 -58.04 8.49 -50.49
C ALA A 142 -59.19 9.13 -51.31
N PRO A 143 -60.01 10.08 -50.75
CA PRO A 143 -61.08 10.70 -51.55
C PRO A 143 -60.61 11.39 -52.84
N TYR A 144 -59.37 11.91 -52.83
CA TYR A 144 -58.75 12.64 -53.94
C TYR A 144 -58.12 11.73 -55.01
N ALA A 145 -57.95 10.43 -54.72
CA ALA A 145 -57.35 9.44 -55.63
C ALA A 145 -58.08 8.09 -55.53
N GLN A 146 -59.39 8.10 -55.82
CA GLN A 146 -60.29 6.94 -55.74
C GLN A 146 -60.03 5.81 -56.75
N ASP A 147 -59.43 6.16 -57.91
CA ASP A 147 -59.11 5.21 -58.99
C ASP A 147 -57.64 4.79 -58.96
N THR A 148 -56.74 5.71 -58.57
CA THR A 148 -55.30 5.44 -58.50
C THR A 148 -54.86 5.18 -57.05
N GLN A 149 -55.70 4.47 -56.26
CA GLN A 149 -55.39 4.16 -54.86
C GLN A 149 -54.16 3.25 -54.65
N GLU A 150 -53.81 2.42 -55.67
CA GLU A 150 -52.65 1.54 -55.69
C GLU A 150 -51.38 2.39 -55.58
N LYS A 151 -51.25 3.46 -56.43
CA LYS A 151 -50.13 4.41 -56.45
C LYS A 151 -50.00 5.14 -55.13
N LEU A 152 -51.16 5.57 -54.55
CA LEU A 152 -51.20 6.27 -53.26
C LEU A 152 -50.64 5.36 -52.17
N ASN A 153 -51.15 4.11 -52.09
CA ASN A 153 -50.74 3.11 -51.11
C ASN A 153 -49.25 2.78 -51.18
N HIS A 154 -48.73 2.56 -52.42
CA HIS A 154 -47.32 2.26 -52.71
C HIS A 154 -46.41 3.39 -52.21
N GLN A 155 -46.81 4.63 -52.51
CA GLN A 155 -46.04 5.81 -52.14
C GLN A 155 -46.06 6.01 -50.64
N LEU A 156 -47.20 5.71 -50.00
CA LEU A 156 -47.34 5.83 -48.55
C LEU A 156 -46.62 4.70 -47.82
N GLU A 157 -46.57 3.49 -48.43
CA GLU A 157 -45.82 2.35 -47.88
C GLU A 157 -44.33 2.68 -47.97
N GLY A 158 -43.93 3.33 -49.07
CA GLY A 158 -42.56 3.77 -49.29
C GLY A 158 -42.13 4.79 -48.26
N LEU A 159 -43.02 5.75 -47.94
CA LEU A 159 -42.80 6.77 -46.92
C LEU A 159 -42.69 6.09 -45.55
N THR A 160 -43.59 5.13 -45.23
CA THR A 160 -43.62 4.36 -43.97
C THR A 160 -42.29 3.66 -43.77
N PHE A 161 -41.78 3.02 -44.83
CA PHE A 161 -40.49 2.34 -44.81
C PHE A 161 -39.34 3.32 -44.55
N GLN A 162 -39.26 4.45 -45.30
CA GLN A 162 -38.20 5.46 -45.12
C GLN A 162 -38.18 6.05 -43.72
N MET A 163 -39.38 6.36 -43.19
CA MET A 163 -39.57 6.90 -41.84
C MET A 163 -39.16 5.88 -40.76
N LYS A 164 -39.59 4.60 -40.92
CA LYS A 164 -39.29 3.51 -39.98
C LYS A 164 -37.83 3.12 -39.96
N LYS A 165 -37.12 3.33 -41.09
CA LYS A 165 -35.69 3.07 -41.25
C LYS A 165 -34.93 4.08 -40.38
N ASN A 166 -35.47 5.30 -40.18
CA ASN A 166 -34.90 6.32 -39.31
C ASN A 166 -35.08 5.92 -37.84
N ALA A 167 -36.26 5.33 -37.49
CA ALA A 167 -36.56 4.83 -36.15
C ALA A 167 -35.62 3.67 -35.81
N GLU A 168 -35.33 2.81 -36.80
CA GLU A 168 -34.42 1.66 -36.68
C GLU A 168 -32.98 2.08 -36.58
N GLU A 169 -32.63 3.24 -37.18
CA GLU A 169 -31.29 3.80 -37.12
C GLU A 169 -31.08 4.39 -35.72
N LEU A 170 -32.12 5.02 -35.15
CA LEU A 170 -32.10 5.56 -33.80
C LEU A 170 -31.82 4.42 -32.79
N LYS A 171 -32.56 3.30 -32.92
CA LYS A 171 -32.40 2.11 -32.09
C LYS A 171 -30.97 1.58 -32.23
N ALA A 172 -30.41 1.56 -33.47
CA ALA A 172 -29.07 1.05 -33.74
C ALA A 172 -27.98 1.93 -33.13
N ARG A 173 -28.12 3.25 -33.26
CA ARG A 173 -27.19 4.23 -32.72
C ARG A 173 -27.23 4.20 -31.19
N ILE A 174 -28.41 3.95 -30.57
CA ILE A 174 -28.55 3.85 -29.11
C ILE A 174 -27.77 2.60 -28.64
N SER A 175 -27.98 1.47 -29.32
CA SER A 175 -27.31 0.20 -29.02
C SER A 175 -25.80 0.28 -29.19
N ALA A 176 -25.32 0.90 -30.30
CA ALA A 176 -23.88 1.03 -30.58
C ALA A 176 -23.21 1.94 -29.53
N SER A 177 -23.94 2.95 -29.04
CA SER A 177 -23.42 3.86 -28.01
C SER A 177 -23.42 3.21 -26.63
N ALA A 178 -24.40 2.33 -26.33
CA ALA A 178 -24.46 1.60 -25.06
C ALA A 178 -23.31 0.63 -25.02
N GLU A 179 -22.98 0.02 -26.20
CA GLU A 179 -21.85 -0.91 -26.36
C GLU A 179 -20.48 -0.26 -26.20
N GLU A 180 -20.31 0.96 -26.75
CA GLU A 180 -19.09 1.76 -26.60
C GLU A 180 -18.90 2.06 -25.10
N LEU A 181 -20.00 2.40 -24.38
CA LEU A 181 -20.01 2.65 -22.93
C LEU A 181 -19.53 1.39 -22.17
N ARG A 182 -20.05 0.21 -22.53
CA ARG A 182 -19.65 -1.08 -21.97
C ARG A 182 -18.15 -1.33 -22.18
N GLN A 183 -17.64 -1.11 -23.43
CA GLN A 183 -16.21 -1.31 -23.75
C GLN A 183 -15.28 -0.30 -23.11
N ARG A 184 -15.83 0.78 -22.53
CA ARG A 184 -15.07 1.83 -21.86
C ARG A 184 -15.10 1.67 -20.33
N LEU A 185 -16.19 1.07 -19.79
CA LEU A 185 -16.40 0.78 -18.35
C LEU A 185 -15.76 -0.53 -17.91
N ALA A 186 -15.82 -1.57 -18.75
CA ALA A 186 -15.23 -2.89 -18.45
C ALA A 186 -13.73 -2.85 -18.10
N PRO A 187 -12.85 -2.08 -18.83
CA PRO A 187 -11.42 -1.99 -18.42
C PRO A 187 -11.18 -1.37 -17.04
N LEU A 188 -12.09 -0.50 -16.57
CA LEU A 188 -11.99 0.12 -15.24
C LEU A 188 -12.17 -0.93 -14.13
N ALA A 189 -13.08 -1.87 -14.35
CA ALA A 189 -13.32 -3.04 -13.49
C ALA A 189 -12.12 -4.01 -13.58
N GLU A 190 -11.50 -4.21 -14.79
CA GLU A 190 -10.31 -5.06 -14.98
C GLU A 190 -9.10 -4.48 -14.24
N ASP A 191 -8.92 -3.16 -14.31
CA ASP A 191 -7.82 -2.50 -13.63
C ASP A 191 -7.90 -2.72 -12.11
N VAL A 192 -9.10 -2.58 -11.53
CA VAL A 192 -9.33 -2.81 -10.09
C VAL A 192 -9.04 -4.29 -9.75
N ARG A 193 -9.56 -5.20 -10.55
CA ARG A 193 -9.38 -6.64 -10.37
C ARG A 193 -7.90 -7.10 -10.48
N GLY A 194 -7.15 -6.49 -11.40
CA GLY A 194 -5.73 -6.75 -11.56
C GLY A 194 -4.90 -6.27 -10.38
N ASN A 195 -5.40 -5.26 -9.63
CA ASN A 195 -4.70 -4.69 -8.47
C ASN A 195 -5.04 -5.35 -7.13
N LEU A 196 -5.76 -6.49 -7.13
CA LEU A 196 -6.04 -7.30 -5.92
C LEU A 196 -4.76 -8.10 -5.68
N ARG A 197 -4.09 -8.43 -6.80
CA ARG A 197 -2.79 -9.06 -6.89
C ARG A 197 -1.83 -7.87 -7.02
N GLY A 198 -1.13 -7.56 -5.95
CA GLY A 198 -0.21 -6.43 -5.95
C GLY A 198 -0.37 -5.50 -4.78
N ASN A 199 0.21 -4.30 -4.92
CA ASN A 199 0.24 -3.28 -3.88
C ASN A 199 -1.11 -2.67 -3.54
N THR A 200 -1.31 -2.43 -2.22
CA THR A 200 -2.50 -1.84 -1.58
C THR A 200 -2.72 -0.41 -2.08
N GLU A 201 -1.60 0.31 -2.37
CA GLU A 201 -1.57 1.68 -2.88
C GLU A 201 -2.18 1.75 -4.28
N GLY A 202 -1.79 0.79 -5.15
CA GLY A 202 -2.29 0.63 -6.53
C GLY A 202 -3.77 0.36 -6.57
N LEU A 203 -4.25 -0.49 -5.64
CA LEU A 203 -5.63 -0.88 -5.43
C LEU A 203 -6.43 0.33 -4.92
N GLN A 204 -5.88 1.05 -3.92
CA GLN A 204 -6.50 2.24 -3.37
C GLN A 204 -6.60 3.34 -4.42
N LYS A 205 -5.54 3.54 -5.26
CA LYS A 205 -5.57 4.53 -6.33
C LYS A 205 -6.69 4.19 -7.33
N SER A 206 -6.78 2.90 -7.76
CA SER A 206 -7.84 2.53 -8.69
C SER A 206 -9.24 2.67 -8.08
N LEU A 207 -9.39 2.36 -6.76
CA LEU A 207 -10.66 2.50 -6.05
C LEU A 207 -11.05 3.95 -5.82
N ALA A 208 -10.09 4.83 -5.47
CA ALA A 208 -10.38 6.24 -5.25
C ALA A 208 -10.68 6.97 -6.56
N GLU A 209 -10.17 6.46 -7.69
CA GLU A 209 -10.36 7.03 -9.02
C GLU A 209 -11.53 6.43 -9.79
N LEU A 210 -12.01 5.22 -9.39
CA LEU A 210 -13.08 4.48 -10.06
C LEU A 210 -14.32 5.28 -10.35
N GLY A 211 -14.89 5.89 -9.32
CA GLY A 211 -16.08 6.75 -9.39
C GLY A 211 -15.97 7.84 -10.42
N GLY A 212 -14.83 8.54 -10.44
CA GLY A 212 -14.51 9.62 -11.38
C GLY A 212 -14.45 9.16 -12.83
N HIS A 213 -13.83 8.00 -13.05
CA HIS A 213 -13.68 7.38 -14.36
C HIS A 213 -15.01 6.86 -14.89
N LEU A 214 -15.87 6.28 -14.01
CA LEU A 214 -17.21 5.83 -14.38
C LEU A 214 -17.99 7.05 -14.89
N ASP A 215 -17.99 8.17 -14.13
CA ASP A 215 -18.68 9.43 -14.48
C ASP A 215 -18.30 9.97 -15.85
N GLN A 216 -17.00 10.04 -16.16
CA GLN A 216 -16.44 10.51 -17.43
C GLN A 216 -16.97 9.70 -18.63
N GLN A 217 -17.02 8.35 -18.47
CA GLN A 217 -17.51 7.46 -19.51
C GLN A 217 -19.00 7.55 -19.66
N VAL A 218 -19.73 7.57 -18.53
CA VAL A 218 -21.21 7.68 -18.53
C VAL A 218 -21.64 9.01 -19.12
N GLU A 219 -20.84 10.06 -18.88
CA GLU A 219 -21.07 11.39 -19.41
C GLU A 219 -20.84 11.45 -20.90
N GLU A 220 -19.87 10.70 -21.40
CA GLU A 220 -19.59 10.60 -22.82
C GLU A 220 -20.83 9.97 -23.52
N PHE A 221 -21.33 8.81 -22.99
CA PHE A 221 -22.55 8.17 -23.48
C PHE A 221 -23.73 9.18 -23.48
N ARG A 222 -24.03 9.75 -22.31
N ARG A 222 -24.01 9.80 -22.32
CA ARG A 222 -25.15 10.67 -22.12
CA ARG A 222 -25.12 10.72 -22.14
C ARG A 222 -25.06 11.96 -22.96
C ARG A 222 -25.05 11.92 -23.05
N ARG A 223 -23.84 12.40 -23.31
CA ARG A 223 -23.57 13.56 -24.19
C ARG A 223 -23.91 13.18 -25.63
N ARG A 224 -23.54 11.96 -26.06
CA ARG A 224 -23.72 11.44 -27.42
C ARG A 224 -25.19 11.05 -27.74
N VAL A 225 -25.84 10.34 -26.81
CA VAL A 225 -27.20 9.81 -26.98
C VAL A 225 -28.30 10.84 -26.70
N GLU A 226 -28.04 11.85 -25.84
CA GLU A 226 -29.01 12.92 -25.50
C GLU A 226 -29.64 13.62 -26.76
N PRO A 227 -28.86 14.07 -27.79
CA PRO A 227 -29.50 14.73 -28.95
C PRO A 227 -30.36 13.85 -29.87
N TYR A 228 -30.06 12.52 -29.94
CA TYR A 228 -30.71 11.54 -30.82
C TYR A 228 -32.22 11.70 -31.03
N GLY A 229 -32.99 11.71 -29.93
CA GLY A 229 -34.46 11.81 -29.95
C GLY A 229 -35.03 12.99 -30.70
N GLU A 230 -34.44 14.17 -30.49
CA GLU A 230 -34.83 15.43 -31.14
C GLU A 230 -34.42 15.41 -32.61
N ASN A 231 -33.19 14.92 -32.89
CA ASN A 231 -32.58 14.79 -34.21
C ASN A 231 -33.50 13.94 -35.12
N PHE A 232 -33.93 12.75 -34.63
CA PHE A 232 -34.79 11.87 -35.40
C PHE A 232 -36.21 12.38 -35.56
N ASN A 233 -36.73 13.10 -34.56
CA ASN A 233 -38.03 13.77 -34.60
C ASN A 233 -38.01 14.76 -35.78
N LYS A 234 -36.93 15.56 -35.92
CA LYS A 234 -36.79 16.52 -37.02
C LYS A 234 -36.63 15.81 -38.36
N ALA A 235 -35.89 14.69 -38.40
CA ALA A 235 -35.70 13.87 -39.61
C ALA A 235 -37.05 13.38 -40.20
N LEU A 236 -37.97 12.91 -39.34
CA LEU A 236 -39.28 12.41 -39.73
C LEU A 236 -40.15 13.52 -40.27
N VAL A 237 -40.06 14.68 -39.63
CA VAL A 237 -40.77 15.89 -39.99
C VAL A 237 -40.32 16.34 -41.38
N GLN A 238 -38.99 16.32 -41.62
CA GLN A 238 -38.44 16.69 -42.93
C GLN A 238 -39.00 15.78 -44.03
N GLN A 239 -39.10 14.47 -43.76
CA GLN A 239 -39.60 13.44 -44.68
C GLN A 239 -41.05 13.72 -45.10
N MET A 240 -41.92 14.01 -44.12
CA MET A 240 -43.32 14.34 -44.31
C MET A 240 -43.48 15.70 -45.01
N GLU A 241 -42.59 16.66 -44.69
CA GLU A 241 -42.59 18.00 -45.28
C GLU A 241 -42.17 17.95 -46.76
N GLN A 242 -41.25 17.01 -47.09
CA GLN A 242 -40.73 16.75 -48.44
C GLN A 242 -41.86 16.22 -49.31
N LEU A 243 -42.71 15.32 -48.77
CA LEU A 243 -43.87 14.76 -49.43
C LEU A 243 -44.88 15.85 -49.76
N ARG A 244 -45.15 16.76 -48.77
CA ARG A 244 -46.07 17.89 -48.86
C ARG A 244 -45.68 18.84 -49.98
N GLN A 245 -44.36 19.10 -50.10
CA GLN A 245 -43.81 20.00 -51.11
C GLN A 245 -43.81 19.37 -52.49
N LYS A 246 -43.60 18.04 -52.56
CA LYS A 246 -43.60 17.29 -53.82
C LYS A 246 -45.03 17.15 -54.36
N LEU A 247 -46.01 16.81 -53.50
CA LEU A 247 -47.40 16.62 -53.89
C LEU A 247 -48.26 17.90 -53.97
N GLY A 248 -47.85 18.94 -53.28
CA GLY A 248 -48.58 20.20 -53.27
C GLY A 248 -48.31 21.10 -54.47
N PRO A 249 -48.87 22.33 -54.44
CA PRO A 249 -48.62 23.30 -55.54
C PRO A 249 -47.16 23.79 -55.67
N HIS A 250 -46.74 24.20 -56.89
CA HIS A 250 -45.38 24.69 -57.14
C HIS A 250 -45.12 26.13 -56.64
N ALA B 10 -20.34 12.72 -66.63
CA ALA B 10 -21.03 12.74 -65.35
C ALA B 10 -22.36 13.53 -65.42
N LYS B 11 -22.85 14.05 -64.26
CA LYS B 11 -24.10 14.82 -64.08
C LYS B 11 -25.38 13.99 -64.36
N ASP B 12 -25.26 12.65 -64.23
CA ASP B 12 -26.35 11.67 -64.45
C ASP B 12 -27.15 11.35 -63.18
N SER B 13 -26.83 12.03 -62.04
CA SER B 13 -27.54 11.89 -60.77
C SER B 13 -28.96 12.46 -60.93
N GLU B 14 -29.08 13.53 -61.74
CA GLU B 14 -30.31 14.24 -62.12
C GLU B 14 -31.26 13.29 -62.88
N LYS B 15 -30.70 12.41 -63.75
CA LYS B 15 -31.41 11.39 -64.53
C LYS B 15 -32.00 10.32 -63.60
N LEU B 16 -31.15 9.79 -62.67
CA LEU B 16 -31.49 8.79 -61.67
C LEU B 16 -32.59 9.26 -60.71
N LYS B 17 -32.50 10.54 -60.27
CA LYS B 17 -33.45 11.18 -59.36
C LYS B 17 -34.85 11.33 -59.99
N GLU B 18 -34.92 11.43 -61.33
CA GLU B 18 -36.17 11.55 -62.08
C GLU B 18 -36.81 10.19 -62.38
N GLU B 19 -36.08 9.08 -62.14
CA GLU B 19 -36.57 7.71 -62.35
C GLU B 19 -37.27 7.16 -61.09
N ILE B 20 -36.70 7.48 -59.89
CA ILE B 20 -37.21 7.06 -58.58
C ILE B 20 -38.60 7.63 -58.23
N GLY B 21 -38.79 8.92 -58.50
CA GLY B 21 -40.04 9.63 -58.26
C GLY B 21 -40.98 9.69 -59.45
N LYS B 22 -40.85 8.76 -60.40
CA LYS B 22 -41.69 8.66 -61.60
C LYS B 22 -43.12 8.29 -61.20
N GLU B 23 -43.29 7.35 -60.22
CA GLU B 23 -44.56 6.93 -59.64
C GLU B 23 -45.13 8.05 -58.75
N LEU B 24 -44.24 8.79 -58.07
CA LEU B 24 -44.59 9.93 -57.24
C LEU B 24 -45.09 11.10 -58.12
N GLU B 25 -44.51 11.25 -59.33
CA GLU B 25 -44.91 12.24 -60.32
C GLU B 25 -46.31 11.90 -60.81
N GLU B 26 -46.57 10.58 -60.97
CA GLU B 26 -47.88 10.09 -61.40
C GLU B 26 -48.92 10.29 -60.32
N LEU B 27 -48.58 10.02 -59.03
CA LEU B 27 -49.50 10.27 -57.92
C LEU B 27 -49.81 11.79 -57.86
N ARG B 28 -48.77 12.63 -58.04
CA ARG B 28 -48.92 14.08 -58.06
C ARG B 28 -49.85 14.52 -59.20
N ALA B 29 -49.67 13.93 -60.41
CA ALA B 29 -50.50 14.25 -61.57
C ALA B 29 -51.99 13.92 -61.29
N ARG B 30 -52.27 12.80 -60.58
CA ARG B 30 -53.63 12.43 -60.18
C ARG B 30 -54.21 13.43 -59.16
N LEU B 31 -53.40 13.85 -58.18
CA LEU B 31 -53.83 14.76 -57.13
C LEU B 31 -53.83 16.23 -57.55
N LEU B 32 -53.23 16.54 -58.72
CA LEU B 32 -53.10 17.90 -59.23
C LEU B 32 -54.32 18.79 -59.08
N PRO B 33 -55.56 18.38 -59.49
CA PRO B 33 -56.71 19.29 -59.33
C PRO B 33 -57.05 19.63 -57.88
N HIS B 34 -56.46 18.91 -56.91
CA HIS B 34 -56.70 19.12 -55.48
C HIS B 34 -55.44 19.44 -54.71
N ALA B 35 -54.35 19.87 -55.41
CA ALA B 35 -53.02 20.16 -54.84
C ALA B 35 -53.04 20.95 -53.54
N ASN B 36 -53.92 21.97 -53.46
CA ASN B 36 -54.11 22.80 -52.26
C ASN B 36 -54.72 21.99 -51.11
N GLU B 37 -55.84 21.27 -51.37
CA GLU B 37 -56.50 20.39 -50.39
C GLU B 37 -55.53 19.33 -49.88
N VAL B 38 -54.81 18.63 -50.82
CA VAL B 38 -53.88 17.57 -50.47
C VAL B 38 -52.73 18.06 -49.60
N SER B 39 -52.12 19.24 -49.96
CA SER B 39 -51.04 19.92 -49.22
C SER B 39 -51.53 20.23 -47.80
N GLN B 40 -52.80 20.70 -47.69
CA GLN B 40 -53.45 21.01 -46.42
C GLN B 40 -53.63 19.77 -45.53
N LYS B 41 -54.09 18.64 -46.11
CA LYS B 41 -54.29 17.38 -45.37
C LYS B 41 -52.95 16.78 -44.89
N ILE B 42 -51.87 16.93 -45.69
CA ILE B 42 -50.52 16.47 -45.34
C ILE B 42 -49.96 17.33 -44.18
N GLY B 43 -50.16 18.66 -44.26
CA GLY B 43 -49.75 19.61 -43.23
C GLY B 43 -50.42 19.30 -41.90
N ASP B 44 -51.72 18.95 -41.94
CA ASP B 44 -52.50 18.57 -40.77
C ASP B 44 -51.95 17.29 -40.12
N ASN B 45 -51.68 16.26 -40.95
CA ASN B 45 -51.07 15.01 -40.48
C ASN B 45 -49.66 15.19 -39.95
N LEU B 46 -48.90 16.15 -40.50
CA LEU B 46 -47.56 16.47 -40.06
C LEU B 46 -47.62 17.09 -38.65
N ARG B 47 -48.63 17.94 -38.38
CA ARG B 47 -48.82 18.55 -37.06
C ARG B 47 -49.22 17.47 -36.06
N GLU B 48 -50.12 16.56 -36.45
CA GLU B 48 -50.54 15.42 -35.63
C GLU B 48 -49.34 14.50 -35.35
N LEU B 49 -48.46 14.29 -36.35
CA LEU B 49 -47.24 13.50 -36.17
C LEU B 49 -46.35 14.11 -35.08
N GLN B 50 -46.06 15.41 -35.17
CA GLN B 50 -45.28 16.18 -34.21
C GLN B 50 -45.85 16.04 -32.82
N GLN B 51 -47.17 16.21 -32.72
CA GLN B 51 -47.94 16.11 -31.49
C GLN B 51 -47.85 14.71 -30.88
N ARG B 52 -47.86 13.68 -31.71
CA ARG B 52 -47.76 12.30 -31.26
C ARG B 52 -46.34 11.92 -30.88
N LEU B 53 -45.32 12.35 -31.64
CA LEU B 53 -43.91 12.03 -31.37
C LEU B 53 -43.33 12.79 -30.20
N GLU B 54 -43.78 14.05 -30.01
CA GLU B 54 -43.26 14.97 -28.99
C GLU B 54 -43.06 14.39 -27.56
N PRO B 55 -44.10 13.85 -26.86
CA PRO B 55 -43.85 13.29 -25.52
C PRO B 55 -42.81 12.17 -25.47
N TYR B 56 -42.71 11.35 -26.54
CA TYR B 56 -41.73 10.26 -26.62
C TYR B 56 -40.35 10.77 -26.93
N ALA B 57 -40.23 11.77 -27.83
CA ALA B 57 -38.96 12.41 -28.16
C ALA B 57 -38.45 13.15 -26.91
N ASP B 58 -39.37 13.80 -26.16
CA ASP B 58 -39.01 14.49 -24.91
C ASP B 58 -38.60 13.50 -23.83
N GLN B 59 -39.36 12.40 -23.63
CA GLN B 59 -39.08 11.38 -22.63
C GLN B 59 -37.86 10.60 -22.94
N LEU B 60 -37.56 10.36 -24.24
CA LEU B 60 -36.31 9.69 -24.59
C LEU B 60 -35.12 10.52 -24.06
N ARG B 61 -35.14 11.85 -24.30
N ARG B 61 -35.14 11.85 -24.30
CA ARG B 61 -34.08 12.77 -23.84
CA ARG B 61 -34.09 12.80 -23.85
C ARG B 61 -33.92 12.71 -22.31
C ARG B 61 -33.93 12.74 -22.32
N THR B 62 -35.05 12.75 -21.58
CA THR B 62 -35.10 12.68 -20.12
C THR B 62 -34.55 11.35 -19.61
N GLN B 63 -35.07 10.25 -20.18
CA GLN B 63 -34.70 8.89 -19.83
C GLN B 63 -33.23 8.59 -20.10
N VAL B 64 -32.58 9.27 -21.08
CA VAL B 64 -31.16 9.10 -21.37
C VAL B 64 -30.38 9.54 -20.12
N ASN B 65 -30.77 10.70 -19.59
CA ASN B 65 -30.21 11.34 -18.42
C ASN B 65 -30.51 10.55 -17.12
N THR B 66 -31.78 10.16 -16.92
CA THR B 66 -32.26 9.35 -15.81
C THR B 66 -31.55 7.98 -15.77
N GLN B 67 -31.47 7.27 -16.93
CA GLN B 67 -30.82 5.96 -17.00
C GLN B 67 -29.33 6.04 -16.76
N ALA B 68 -28.64 7.01 -17.38
CA ALA B 68 -27.19 7.25 -17.21
C ALA B 68 -26.85 7.51 -15.71
N GLU B 69 -27.72 8.26 -15.05
CA GLU B 69 -27.65 8.56 -13.63
C GLU B 69 -27.88 7.31 -12.76
N GLN B 70 -28.85 6.47 -13.11
CA GLN B 70 -29.19 5.23 -12.42
C GLN B 70 -28.03 4.25 -12.53
N LEU B 71 -27.37 4.16 -13.70
CA LEU B 71 -26.21 3.31 -13.92
C LEU B 71 -25.09 3.73 -12.97
N ARG B 72 -24.86 5.05 -12.84
CA ARG B 72 -23.83 5.64 -11.98
C ARG B 72 -24.05 5.27 -10.50
N ARG B 73 -25.29 5.45 -10.01
CA ARG B 73 -25.73 5.14 -8.64
C ARG B 73 -25.66 3.64 -8.29
N GLN B 74 -25.85 2.77 -9.30
CA GLN B 74 -25.82 1.31 -9.14
C GLN B 74 -24.39 0.74 -9.08
N LEU B 75 -23.45 1.40 -9.80
CA LEU B 75 -22.04 0.99 -9.87
C LEU B 75 -21.13 1.52 -8.76
N THR B 76 -21.40 2.75 -8.29
CA THR B 76 -20.69 3.44 -7.19
C THR B 76 -20.60 2.60 -5.87
N PRO B 77 -21.69 1.93 -5.38
CA PRO B 77 -21.56 1.13 -4.15
C PRO B 77 -20.48 0.05 -4.15
N TYR B 78 -20.04 -0.42 -5.33
CA TYR B 78 -18.97 -1.43 -5.44
C TYR B 78 -17.63 -0.89 -5.00
N ALA B 79 -17.24 0.32 -5.45
CA ALA B 79 -15.99 0.97 -5.05
C ALA B 79 -16.02 1.27 -3.53
N GLN B 80 -17.21 1.66 -3.05
CA GLN B 80 -17.54 1.96 -1.66
C GLN B 80 -17.39 0.69 -0.79
N ARG B 81 -17.99 -0.47 -1.20
CA ARG B 81 -17.90 -1.77 -0.50
C ARG B 81 -16.46 -2.29 -0.44
N MET B 82 -15.72 -2.16 -1.56
CA MET B 82 -14.32 -2.57 -1.65
C MET B 82 -13.45 -1.71 -0.75
N GLU B 83 -13.73 -0.40 -0.64
CA GLU B 83 -13.00 0.50 0.26
C GLU B 83 -13.25 0.13 1.74
N ARG B 84 -14.49 -0.31 2.07
CA ARG B 84 -14.91 -0.73 3.42
C ARG B 84 -14.23 -2.05 3.80
N VAL B 85 -14.21 -3.07 2.87
CA VAL B 85 -13.54 -4.36 3.07
C VAL B 85 -12.04 -4.08 3.39
N LEU B 86 -11.42 -3.19 2.60
CA LEU B 86 -10.02 -2.77 2.72
C LEU B 86 -9.74 -2.11 4.07
N ARG B 87 -10.66 -1.24 4.58
CA ARG B 87 -10.48 -0.60 5.89
C ARG B 87 -10.70 -1.56 7.05
N GLU B 88 -11.74 -2.42 6.98
CA GLU B 88 -12.07 -3.44 7.99
C GLU B 88 -10.88 -4.39 8.17
N ASN B 89 -10.23 -4.72 7.06
CA ASN B 89 -9.07 -5.58 7.01
C ASN B 89 -7.87 -4.91 7.67
N ALA B 90 -7.63 -3.61 7.34
CA ALA B 90 -6.55 -2.77 7.89
C ALA B 90 -6.68 -2.65 9.40
N ASP B 91 -7.93 -2.58 9.91
CA ASP B 91 -8.27 -2.55 11.33
C ASP B 91 -7.93 -3.89 11.96
N SER B 92 -8.34 -4.98 11.30
CA SER B 92 -8.14 -6.35 11.75
C SER B 92 -6.65 -6.72 11.80
N LEU B 93 -5.86 -6.22 10.80
CA LEU B 93 -4.42 -6.44 10.68
C LEU B 93 -3.72 -5.74 11.84
N GLN B 94 -4.09 -4.46 12.10
CA GLN B 94 -3.54 -3.63 13.17
C GLN B 94 -3.81 -4.28 14.52
N ALA B 95 -5.05 -4.77 14.75
CA ALA B 95 -5.46 -5.47 15.97
C ALA B 95 -4.72 -6.83 16.17
N SER B 96 -4.26 -7.47 15.09
CA SER B 96 -3.55 -8.76 15.12
C SER B 96 -2.04 -8.57 15.35
N LEU B 97 -1.49 -7.48 14.79
CA LEU B 97 -0.09 -7.14 14.84
C LEU B 97 0.33 -6.42 16.13
N ARG B 98 -0.54 -5.52 16.65
CA ARG B 98 -0.28 -4.73 17.87
C ARG B 98 0.16 -5.57 19.05
N PRO B 99 -0.52 -6.70 19.43
CA PRO B 99 -0.03 -7.48 20.57
C PRO B 99 1.43 -7.93 20.45
N HIS B 100 1.81 -8.49 19.27
CA HIS B 100 3.16 -8.96 18.99
C HIS B 100 4.15 -7.80 18.98
N ALA B 101 3.74 -6.62 18.42
CA ALA B 101 4.52 -5.39 18.30
C ALA B 101 4.83 -4.82 19.71
N ASP B 102 3.84 -4.88 20.61
CA ASP B 102 3.97 -4.45 22.00
C ASP B 102 4.87 -5.41 22.76
N GLU B 103 4.70 -6.73 22.53
CA GLU B 103 5.50 -7.74 23.21
C GLU B 103 6.97 -7.70 22.76
N LEU B 104 7.25 -7.42 21.47
CA LEU B 104 8.61 -7.26 20.98
C LEU B 104 9.31 -6.12 21.72
N LYS B 105 8.66 -4.93 21.84
CA LYS B 105 9.16 -3.73 22.50
C LYS B 105 9.55 -4.03 23.96
N ALA B 106 8.65 -4.75 24.67
CA ALA B 106 8.81 -5.16 26.06
C ALA B 106 9.96 -6.17 26.23
N LYS B 107 10.02 -7.18 25.33
CA LYS B 107 11.05 -8.22 25.36
C LYS B 107 12.44 -7.68 25.07
N ILE B 108 12.57 -6.65 24.17
CA ILE B 108 13.85 -5.99 23.87
C ILE B 108 14.46 -5.50 25.18
N ASP B 109 13.70 -4.71 25.95
CA ASP B 109 14.10 -4.15 27.24
C ASP B 109 14.44 -5.24 28.27
N GLN B 110 13.54 -6.24 28.43
CA GLN B 110 13.64 -7.32 29.39
C GLN B 110 14.83 -8.24 29.09
N ASN B 111 15.05 -8.52 27.81
CA ASN B 111 16.15 -9.40 27.41
C ASN B 111 17.50 -8.70 27.41
N VAL B 112 17.53 -7.37 27.19
CA VAL B 112 18.79 -6.61 27.27
C VAL B 112 19.26 -6.55 28.75
N GLU B 113 18.30 -6.48 29.69
CA GLU B 113 18.58 -6.49 31.13
C GLU B 113 19.06 -7.88 31.54
N GLU B 114 18.40 -8.96 31.04
CA GLU B 114 18.84 -10.32 31.35
C GLU B 114 20.31 -10.52 30.88
N LEU B 115 20.62 -10.07 29.64
CA LEU B 115 21.94 -10.14 29.04
C LEU B 115 22.97 -9.43 29.91
N LYS B 116 22.68 -8.17 30.28
CA LYS B 116 23.54 -7.35 31.13
C LYS B 116 23.89 -8.04 32.47
N GLY B 117 22.86 -8.51 33.17
CA GLY B 117 22.92 -9.22 34.45
C GLY B 117 23.64 -10.55 34.44
N ARG B 118 23.83 -11.17 33.23
CA ARG B 118 24.52 -12.46 33.07
C ARG B 118 25.98 -12.23 32.67
N LEU B 119 26.34 -10.98 32.32
CA LEU B 119 27.69 -10.60 31.89
C LEU B 119 28.50 -9.85 32.94
N THR B 120 27.86 -8.92 33.65
CA THR B 120 28.51 -8.15 34.70
C THR B 120 29.13 -9.02 35.84
N PRO B 121 28.51 -10.17 36.26
CA PRO B 121 29.15 -11.00 37.32
C PRO B 121 30.62 -11.36 37.13
N TYR B 122 31.08 -11.41 35.86
CA TYR B 122 32.45 -11.69 35.46
C TYR B 122 33.41 -10.63 35.90
N ALA B 123 33.04 -9.35 35.74
CA ALA B 123 33.85 -8.21 36.21
C ALA B 123 33.94 -8.26 37.72
N ASP B 124 32.87 -8.65 38.38
CA ASP B 124 32.87 -8.80 39.84
C ASP B 124 33.82 -9.90 40.29
N GLU B 125 33.84 -11.02 39.55
CA GLU B 125 34.71 -12.14 39.86
C GLU B 125 36.19 -11.78 39.69
N PHE B 126 36.49 -10.85 38.77
CA PHE B 126 37.83 -10.35 38.55
C PHE B 126 38.34 -9.63 39.76
N LYS B 127 37.45 -8.91 40.48
CA LYS B 127 37.72 -8.19 41.72
C LYS B 127 38.11 -9.18 42.80
N VAL B 128 37.45 -10.36 42.83
CA VAL B 128 37.74 -11.46 43.77
C VAL B 128 39.15 -12.03 43.52
N LYS B 129 39.46 -12.33 42.25
CA LYS B 129 40.75 -12.86 41.84
C LYS B 129 41.88 -11.85 42.08
N ILE B 130 41.61 -10.53 42.00
CA ILE B 130 42.59 -9.47 42.28
C ILE B 130 42.95 -9.49 43.78
N ASP B 131 41.92 -9.54 44.65
CA ASP B 131 42.08 -9.60 46.11
C ASP B 131 42.88 -10.82 46.51
N GLN B 132 42.53 -12.02 45.97
CA GLN B 132 43.23 -13.27 46.28
C GLN B 132 44.69 -13.18 45.91
N THR B 133 44.98 -12.64 44.71
CA THR B 133 46.34 -12.53 44.17
C THR B 133 47.18 -11.53 44.93
N VAL B 134 46.62 -10.38 45.28
CA VAL B 134 47.32 -9.33 46.03
C VAL B 134 47.64 -9.77 47.45
N GLU B 135 46.71 -10.51 48.09
CA GLU B 135 46.92 -11.04 49.43
C GLU B 135 48.08 -12.06 49.42
N GLU B 136 48.16 -12.88 48.36
CA GLU B 136 49.24 -13.85 48.19
C GLU B 136 50.56 -13.14 47.92
N LEU B 137 50.53 -12.06 47.11
CA LEU B 137 51.70 -11.23 46.80
C LEU B 137 52.26 -10.61 48.06
N ARG B 138 51.37 -10.12 48.95
CA ARG B 138 51.73 -9.55 50.24
C ARG B 138 52.42 -10.59 51.11
N ARG B 139 51.89 -11.84 51.13
CA ARG B 139 52.45 -12.94 51.91
C ARG B 139 53.83 -13.34 51.42
N SER B 140 54.05 -13.33 50.11
CA SER B 140 55.34 -13.68 49.54
C SER B 140 56.37 -12.53 49.59
N LEU B 141 55.92 -11.28 49.73
CA LEU B 141 56.81 -10.12 49.82
C LEU B 141 57.15 -9.69 51.25
N ALA B 142 56.28 -10.03 52.23
CA ALA B 142 56.43 -9.72 53.66
C ALA B 142 57.79 -10.11 54.29
N PRO B 143 58.35 -11.33 54.03
CA PRO B 143 59.66 -11.67 54.63
C PRO B 143 60.80 -10.72 54.27
N TYR B 144 60.72 -10.07 53.10
CA TYR B 144 61.73 -9.15 52.58
C TYR B 144 61.60 -7.72 53.04
N ALA B 145 60.39 -7.35 53.52
CA ALA B 145 60.05 -6.01 53.95
C ALA B 145 59.77 -5.90 55.46
N GLN B 146 60.55 -6.62 56.28
CA GLN B 146 60.33 -6.56 57.72
C GLN B 146 60.61 -5.18 58.29
N ASP B 147 59.71 -4.74 59.21
CA ASP B 147 59.69 -3.42 59.84
C ASP B 147 59.18 -2.37 58.82
N THR B 148 58.73 -2.85 57.64
CA THR B 148 58.23 -1.99 56.56
C THR B 148 56.92 -2.52 55.98
N GLN B 149 56.19 -3.34 56.75
CA GLN B 149 54.90 -3.89 56.34
C GLN B 149 53.89 -2.82 55.93
N GLU B 150 53.87 -1.68 56.65
CA GLU B 150 52.94 -0.55 56.40
C GLU B 150 53.14 0.06 55.03
N LYS B 151 54.41 0.23 54.58
CA LYS B 151 54.75 0.76 53.24
C LYS B 151 54.31 -0.26 52.19
N LEU B 152 54.61 -1.56 52.45
CA LEU B 152 54.26 -2.65 51.58
C LEU B 152 52.74 -2.73 51.42
N ASN B 153 52.00 -2.76 52.55
CA ASN B 153 50.54 -2.83 52.57
C ASN B 153 49.87 -1.69 51.84
N HIS B 154 50.36 -0.48 52.04
CA HIS B 154 49.83 0.73 51.44
C HIS B 154 49.98 0.69 49.93
N GLN B 155 51.16 0.27 49.47
CA GLN B 155 51.45 0.18 48.06
C GLN B 155 50.62 -0.90 47.41
N LEU B 156 50.40 -2.01 48.14
CA LEU B 156 49.60 -3.13 47.66
C LEU B 156 48.13 -2.81 47.66
N GLU B 157 47.66 -1.98 48.62
CA GLU B 157 46.26 -1.49 48.67
C GLU B 157 46.03 -0.57 47.47
N GLY B 158 47.04 0.26 47.16
CA GLY B 158 47.03 1.15 46.01
C GLY B 158 46.92 0.39 44.70
N LEU B 159 47.69 -0.72 44.58
CA LEU B 159 47.68 -1.61 43.43
C LEU B 159 46.31 -2.28 43.31
N THR B 160 45.74 -2.77 44.45
CA THR B 160 44.42 -3.43 44.53
C THR B 160 43.35 -2.48 43.99
N PHE B 161 43.40 -1.22 44.42
CA PHE B 161 42.48 -0.19 43.96
C PHE B 161 42.61 0.04 42.44
N GLN B 162 43.84 0.26 41.93
CA GLN B 162 44.09 0.51 40.50
C GLN B 162 43.59 -0.65 39.62
N MET B 163 43.86 -1.88 40.05
CA MET B 163 43.45 -3.12 39.37
C MET B 163 41.91 -3.28 39.39
N LYS B 164 41.28 -3.03 40.55
CA LYS B 164 39.81 -3.14 40.72
C LYS B 164 39.04 -2.08 39.96
N LYS B 165 39.67 -0.91 39.72
CA LYS B 165 39.12 0.20 38.96
C LYS B 165 39.00 -0.23 37.48
N ASN B 166 39.91 -1.11 37.03
CA ASN B 166 39.86 -1.68 35.68
C ASN B 166 38.71 -2.70 35.57
N ALA B 167 38.47 -3.49 36.64
CA ALA B 167 37.37 -4.45 36.70
C ALA B 167 36.02 -3.70 36.69
N GLU B 168 35.97 -2.54 37.37
CA GLU B 168 34.80 -1.66 37.43
C GLU B 168 34.54 -0.93 36.11
N GLU B 169 35.60 -0.65 35.34
CA GLU B 169 35.54 -0.05 34.01
C GLU B 169 34.98 -1.11 33.02
N LEU B 170 35.39 -2.39 33.17
CA LEU B 170 34.90 -3.51 32.38
C LEU B 170 33.37 -3.63 32.57
N LYS B 171 32.92 -3.62 33.83
CA LYS B 171 31.52 -3.68 34.20
C LYS B 171 30.76 -2.49 33.57
N ALA B 172 31.38 -1.28 33.59
CA ALA B 172 30.78 -0.06 33.03
C ALA B 172 30.64 -0.14 31.51
N ARG B 173 31.70 -0.59 30.82
CA ARG B 173 31.73 -0.77 29.37
C ARG B 173 30.74 -1.82 28.92
N ILE B 174 30.54 -2.90 29.72
CA ILE B 174 29.57 -3.96 29.39
C ILE B 174 28.16 -3.36 29.45
N SER B 175 27.86 -2.63 30.54
CA SER B 175 26.58 -1.94 30.75
C SER B 175 26.28 -0.90 29.68
N ALA B 176 27.29 -0.07 29.33
CA ALA B 176 27.12 0.98 28.32
C ALA B 176 26.88 0.36 26.93
N SER B 177 27.49 -0.80 26.65
CA SER B 177 27.30 -1.50 25.38
C SER B 177 25.95 -2.21 25.30
N ALA B 178 25.44 -2.73 26.45
CA ALA B 178 24.13 -3.37 26.52
C ALA B 178 23.08 -2.29 26.27
N GLU B 179 23.32 -1.07 26.81
CA GLU B 179 22.44 0.10 26.65
C GLU B 179 22.41 0.64 25.24
N GLU B 180 23.58 0.68 24.54
CA GLU B 180 23.68 1.07 23.12
C GLU B 180 22.88 0.09 22.28
N LEU B 181 22.93 -1.23 22.61
CA LEU B 181 22.16 -2.30 21.95
C LEU B 181 20.66 -2.03 22.13
N ARG B 182 20.22 -1.70 23.36
CA ARG B 182 18.83 -1.35 23.67
C ARG B 182 18.39 -0.12 22.85
N GLN B 183 19.23 0.95 22.78
CA GLN B 183 18.92 2.15 22.03
C GLN B 183 18.97 2.00 20.52
N ARG B 184 19.48 0.85 20.03
CA ARG B 184 19.55 0.53 18.61
C ARG B 184 18.41 -0.43 18.20
N LEU B 185 17.94 -1.30 19.14
CA LEU B 185 16.86 -2.25 18.93
C LEU B 185 15.48 -1.64 19.16
N ALA B 186 15.34 -0.77 20.17
CA ALA B 186 14.05 -0.11 20.50
C ALA B 186 13.43 0.67 19.29
N PRO B 187 14.21 1.47 18.49
CA PRO B 187 13.61 2.17 17.34
C PRO B 187 13.07 1.23 16.27
N LEU B 188 13.63 -0.01 16.14
CA LEU B 188 13.14 -0.97 15.15
C LEU B 188 11.72 -1.43 15.50
N ALA B 189 11.48 -1.67 16.80
CA ALA B 189 10.18 -2.04 17.36
C ALA B 189 9.24 -0.81 17.24
N GLU B 190 9.78 0.42 17.49
CA GLU B 190 9.03 1.71 17.40
C GLU B 190 8.56 1.97 15.97
N ASP B 191 9.43 1.76 14.96
CA ASP B 191 9.16 1.93 13.54
C ASP B 191 8.04 1.02 13.08
N VAL B 192 8.05 -0.25 13.51
CA VAL B 192 7.01 -1.21 13.18
C VAL B 192 5.67 -0.76 13.81
N ARG B 193 5.74 -0.44 15.11
CA ARG B 193 4.65 0.04 15.95
C ARG B 193 4.00 1.34 15.40
N GLY B 194 4.74 2.06 14.55
CA GLY B 194 4.29 3.29 13.92
C GLY B 194 3.68 3.08 12.54
N ASN B 195 3.91 1.91 11.92
CA ASN B 195 3.43 1.53 10.60
C ASN B 195 2.26 0.54 10.61
N LEU B 196 1.69 0.23 11.78
CA LEU B 196 0.54 -0.70 11.90
C LEU B 196 -0.73 -0.34 11.06
N ARG B 197 -0.99 0.97 10.81
CA ARG B 197 -2.08 1.48 9.97
C ARG B 197 -1.71 2.82 9.30
N GLY B 198 -2.32 3.07 8.13
CA GLY B 198 -2.16 4.28 7.30
C GLY B 198 -0.98 4.26 6.33
N ASN B 199 -0.14 3.22 6.44
CA ASN B 199 1.06 3.03 5.64
C ASN B 199 1.26 1.54 5.60
N THR B 200 1.15 0.99 4.40
CA THR B 200 1.30 -0.43 4.20
C THR B 200 2.59 -0.78 3.44
N GLU B 201 3.14 0.19 2.66
CA GLU B 201 4.32 0.05 1.80
C GLU B 201 5.82 -0.06 2.34
N GLY B 202 6.23 0.44 3.52
CA GLY B 202 5.52 0.98 4.67
C GLY B 202 5.77 0.02 5.80
N LEU B 203 4.72 -0.66 6.23
CA LEU B 203 4.73 -1.73 7.22
C LEU B 203 5.27 -3.00 6.58
N GLN B 204 5.02 -3.21 5.28
CA GLN B 204 5.51 -4.39 4.57
C GLN B 204 7.04 -4.42 4.51
N LYS B 205 7.66 -3.23 4.45
CA LYS B 205 9.10 -3.05 4.40
C LYS B 205 9.72 -3.23 5.78
N SER B 206 9.16 -2.58 6.82
CA SER B 206 9.68 -2.67 8.19
C SER B 206 9.60 -4.12 8.71
N LEU B 207 8.49 -4.84 8.40
CA LEU B 207 8.30 -6.23 8.81
C LEU B 207 9.22 -7.21 8.10
N ALA B 208 9.40 -7.03 6.78
CA ALA B 208 10.27 -7.90 5.99
C ALA B 208 11.76 -7.69 6.35
N GLU B 209 12.11 -6.50 6.85
CA GLU B 209 13.48 -6.14 7.20
C GLU B 209 13.80 -6.32 8.69
N LEU B 210 12.76 -6.44 9.55
CA LEU B 210 12.89 -6.49 11.01
C LEU B 210 13.89 -7.50 11.57
N GLY B 211 13.72 -8.75 11.17
CA GLY B 211 14.59 -9.86 11.60
C GLY B 211 16.06 -9.60 11.30
N GLY B 212 16.33 -9.10 10.09
CA GLY B 212 17.66 -8.76 9.60
C GLY B 212 18.31 -7.64 10.38
N HIS B 213 17.53 -6.60 10.72
CA HIS B 213 17.96 -5.46 11.51
C HIS B 213 18.25 -5.82 12.96
N LEU B 214 17.43 -6.70 13.57
CA LEU B 214 17.68 -7.19 14.93
C LEU B 214 19.05 -7.90 14.95
N ASP B 215 19.28 -8.82 14.00
CA ASP B 215 20.55 -9.58 13.86
C ASP B 215 21.79 -8.68 13.76
N GLN B 216 21.75 -7.67 12.88
CA GLN B 216 22.82 -6.68 12.64
C GLN B 216 23.19 -5.94 13.93
N GLN B 217 22.19 -5.52 14.71
CA GLN B 217 22.43 -4.81 15.96
C GLN B 217 22.96 -5.72 17.03
N VAL B 218 22.40 -6.93 17.15
CA VAL B 218 22.84 -7.92 18.14
C VAL B 218 24.28 -8.33 17.85
N GLU B 219 24.62 -8.42 16.56
CA GLU B 219 25.96 -8.77 16.10
C GLU B 219 26.95 -7.67 16.37
N GLU B 220 26.52 -6.42 16.26
CA GLU B 220 27.34 -5.26 16.57
C GLU B 220 27.70 -5.30 18.06
N PHE B 221 26.69 -5.51 18.98
CA PHE B 221 26.94 -5.67 20.43
C PHE B 221 27.99 -6.75 20.66
N ARG B 222 27.71 -7.96 20.14
CA ARG B 222 28.52 -9.16 20.29
C ARG B 222 29.96 -8.93 19.83
N ARG B 223 30.13 -8.21 18.72
CA ARG B 223 31.43 -7.86 18.11
C ARG B 223 32.20 -6.88 18.98
N ARG B 224 31.53 -5.91 19.62
CA ARG B 224 32.12 -4.88 20.48
C ARG B 224 32.52 -5.38 21.88
N VAL B 225 31.63 -6.17 22.51
CA VAL B 225 31.81 -6.70 23.86
C VAL B 225 32.71 -7.94 23.93
N GLU B 226 32.77 -8.76 22.86
CA GLU B 226 33.60 -9.97 22.79
C GLU B 226 35.12 -9.75 23.16
N PRO B 227 35.83 -8.72 22.64
CA PRO B 227 37.24 -8.51 23.04
C PRO B 227 37.48 -8.05 24.50
N TYR B 228 36.50 -7.37 25.13
CA TYR B 228 36.61 -6.79 26.47
C TYR B 228 37.37 -7.60 27.54
N GLY B 229 36.96 -8.86 27.73
CA GLY B 229 37.55 -9.76 28.73
C GLY B 229 39.05 -9.94 28.64
N GLU B 230 39.54 -10.12 27.40
CA GLU B 230 40.96 -10.29 27.08
C GLU B 230 41.70 -8.95 27.25
N ASN B 231 41.08 -7.80 26.83
CA ASN B 231 41.64 -6.44 26.94
C ASN B 231 41.88 -6.04 28.40
N PHE B 232 40.93 -6.34 29.26
CA PHE B 232 41.01 -6.04 30.68
C PHE B 232 42.11 -6.93 31.33
N ASN B 233 42.16 -8.22 30.94
CA ASN B 233 43.12 -9.22 31.42
C ASN B 233 44.54 -8.69 31.12
N LYS B 234 44.71 -8.10 29.91
CA LYS B 234 45.94 -7.47 29.40
C LYS B 234 46.32 -6.31 30.33
N ALA B 235 45.35 -5.44 30.65
CA ALA B 235 45.53 -4.26 31.47
C ALA B 235 46.03 -4.57 32.89
N LEU B 236 45.49 -5.64 33.52
CA LEU B 236 45.86 -6.07 34.87
C LEU B 236 47.27 -6.59 34.91
N VAL B 237 47.66 -7.29 33.85
CA VAL B 237 48.98 -7.85 33.64
C VAL B 237 50.00 -6.73 33.55
N GLN B 238 49.70 -5.67 32.76
CA GLN B 238 50.57 -4.50 32.60
C GLN B 238 50.79 -3.77 33.94
N GLN B 239 49.74 -3.75 34.82
CA GLN B 239 49.78 -3.14 36.15
C GLN B 239 50.74 -3.88 37.09
N MET B 240 50.62 -5.21 37.14
CA MET B 240 51.48 -6.09 37.94
C MET B 240 52.91 -6.11 37.37
N GLU B 241 53.06 -6.02 36.04
CA GLU B 241 54.37 -5.97 35.36
C GLU B 241 55.10 -4.65 35.65
N GLN B 242 54.33 -3.55 35.80
CA GLN B 242 54.81 -2.21 36.13
C GLN B 242 55.40 -2.21 37.55
N LEU B 243 54.73 -2.91 38.49
CA LEU B 243 55.18 -3.07 39.87
C LEU B 243 56.50 -3.84 39.92
N ARG B 244 56.60 -4.93 39.13
CA ARG B 244 57.77 -5.81 39.00
C ARG B 244 58.99 -5.03 38.51
N GLN B 245 58.78 -4.14 37.52
CA GLN B 245 59.83 -3.32 36.93
C GLN B 245 60.26 -2.20 37.86
N LYS B 246 59.31 -1.64 38.65
CA LYS B 246 59.59 -0.58 39.61
C LYS B 246 60.35 -1.12 40.83
N LEU B 247 59.93 -2.27 41.38
CA LEU B 247 60.55 -2.90 42.55
C LEU B 247 61.78 -3.78 42.26
N GLY B 248 61.91 -4.27 41.04
CA GLY B 248 63.02 -5.13 40.64
C GLY B 248 64.30 -4.39 40.32
N PRO B 249 65.32 -5.16 39.82
CA PRO B 249 66.65 -4.59 39.54
C PRO B 249 66.82 -3.26 38.84
N HIS B 250 66.05 -2.97 37.77
CA HIS B 250 66.18 -1.66 37.13
C HIS B 250 64.84 -0.96 36.90
#